data_1C9P
#
_entry.id   1C9P
#
_cell.length_a   63.330
_cell.length_b   63.330
_cell.length_c   130.610
_cell.angle_alpha   90.00
_cell.angle_beta   90.00
_cell.angle_gamma   90.00
#
_symmetry.space_group_name_H-M   'P 43 21 2'
#
loop_
_entity.id
_entity.type
_entity.pdbx_description
1 polymer TRYPSIN
2 polymer BDELLASTASIN
3 non-polymer 'CALCIUM ION'
4 water water
#
loop_
_entity_poly.entity_id
_entity_poly.type
_entity_poly.pdbx_seq_one_letter_code
_entity_poly.pdbx_strand_id
1 'polypeptide(L)'
;IVGGYTCAANSIPYQVSLNSGSHFCGGSLINSQWVVSAAHCYKSRIQVRLGEHNIDVLEGNEQFINAAKIITHPNFNGNT
LDNDIMLIKLSSPATL(IAS)SRVATVSLPRSCAAAGTECLISGWGNTKSSGSSYPSLLQCLKAPVLSDSSCKSSYPGQI
TGNMICVGFLEGGKDSCQGDSGGPVVCNGQLQGIVSWGYGCAQKNKPGVYTKVCNYVNWIQQTIAAN
;
A
2 'polypeptide(L)' FDVNSHTTPCGPVTCSGAQMCEVDKCVCSDLHCKVKCEHGFKKDDNGCEYACICADAPQ B
#
loop_
_chem_comp.id
_chem_comp.type
_chem_comp.name
_chem_comp.formula
CA non-polymer 'CALCIUM ION' 'Ca 2'
IAS L-beta-peptide, C-gamma linking 'BETA-L-ASPARTIC ACID' 'C4 H7 N O4'
#
# COMPACT_ATOMS: atom_id res chain seq x y z
N ILE A 1 8.30 5.28 -3.40
CA ILE A 1 8.04 6.70 -3.04
C ILE A 1 8.72 7.66 -4.02
N VAL A 2 7.91 8.34 -4.81
CA VAL A 2 8.38 9.28 -5.81
C VAL A 2 8.47 10.69 -5.22
N GLY A 3 9.61 11.34 -5.40
CA GLY A 3 9.76 12.69 -4.89
C GLY A 3 9.88 12.78 -3.38
N GLY A 4 10.52 11.80 -2.78
CA GLY A 4 10.69 11.80 -1.34
C GLY A 4 12.15 11.95 -0.97
N TYR A 5 12.48 11.59 0.26
CA TYR A 5 13.84 11.67 0.74
C TYR A 5 14.12 10.43 1.58
N THR A 6 15.38 10.11 1.76
CA THR A 6 15.76 8.96 2.56
C THR A 6 15.45 9.22 4.04
N CYS A 7 14.61 8.39 4.62
CA CYS A 7 14.22 8.54 6.02
C CYS A 7 15.46 8.47 6.89
N ALA A 8 15.44 9.18 8.02
CA ALA A 8 16.58 9.16 8.94
C ALA A 8 16.66 7.77 9.55
N ALA A 9 17.69 7.53 10.36
CA ALA A 9 17.91 6.24 11.00
C ALA A 9 16.75 5.67 11.80
N ASN A 10 16.37 6.33 12.89
CA ASN A 10 15.29 5.84 13.74
C ASN A 10 14.01 6.65 13.61
N SER A 11 13.64 7.02 12.39
CA SER A 11 12.45 7.83 12.18
C SER A 11 11.16 7.06 11.94
N ILE A 12 11.26 5.86 11.39
CA ILE A 12 10.06 5.07 11.09
C ILE A 12 10.22 3.63 11.60
N PRO A 13 10.15 3.43 12.92
CA PRO A 13 10.30 2.14 13.59
C PRO A 13 9.22 1.12 13.30
N TYR A 14 8.00 1.59 13.08
CA TYR A 14 6.84 0.76 12.81
C TYR A 14 6.73 0.15 11.40
N GLN A 15 7.59 0.60 10.49
CA GLN A 15 7.61 0.12 9.11
C GLN A 15 8.13 -1.32 9.03
N VAL A 16 7.50 -2.15 8.20
CA VAL A 16 7.92 -3.54 8.04
C VAL A 16 7.95 -3.89 6.57
N SER A 17 8.62 -4.99 6.24
CA SER A 17 8.72 -5.45 4.87
C SER A 17 8.16 -6.84 4.70
N LEU A 18 7.20 -6.99 3.79
CA LEU A 18 6.62 -8.31 3.55
C LEU A 18 7.48 -8.93 2.47
N ASN A 19 7.97 -10.13 2.75
CA ASN A 19 8.86 -10.86 1.86
C ASN A 19 8.32 -12.22 1.50
N SER A 20 8.48 -12.61 0.24
CA SER A 20 8.03 -13.91 -0.24
C SER A 20 9.05 -14.30 -1.28
N GLY A 21 10.31 -14.18 -0.90
CA GLY A 21 11.42 -14.45 -1.78
C GLY A 21 12.20 -13.14 -1.83
N SER A 22 11.43 -12.07 -1.87
CA SER A 22 11.96 -10.71 -1.91
C SER A 22 10.86 -9.73 -1.49
N HIS A 23 11.22 -8.47 -1.30
CA HIS A 23 10.27 -7.46 -0.86
C HIS A 23 9.17 -7.26 -1.91
N PHE A 24 7.91 -7.37 -1.48
CA PHE A 24 6.81 -7.17 -2.42
C PHE A 24 5.76 -6.19 -1.91
N CYS A 25 5.75 -5.97 -0.61
CA CYS A 25 4.82 -5.03 0.03
C CYS A 25 5.34 -4.54 1.37
N GLY A 26 4.74 -3.45 1.85
CA GLY A 26 5.13 -2.90 3.13
C GLY A 26 4.05 -3.20 4.14
N GLY A 27 4.25 -2.73 5.37
CA GLY A 27 3.28 -2.97 6.41
C GLY A 27 3.57 -2.12 7.65
N SER A 28 2.72 -2.27 8.66
CA SER A 28 2.88 -1.52 9.89
C SER A 28 2.75 -2.43 11.10
N LEU A 29 3.61 -2.20 12.09
CA LEU A 29 3.55 -2.98 13.33
C LEU A 29 2.71 -2.13 14.27
N ILE A 30 1.56 -2.65 14.69
CA ILE A 30 0.68 -1.92 15.59
C ILE A 30 0.69 -2.55 16.97
N ASN A 31 1.32 -3.72 17.05
CA ASN A 31 1.44 -4.47 18.28
C ASN A 31 2.52 -5.53 18.12
N SER A 32 3.15 -5.91 19.23
CA SER A 32 4.23 -6.88 19.21
C SER A 32 3.97 -8.16 18.43
N GLN A 33 2.72 -8.41 18.06
CA GLN A 33 2.40 -9.60 17.29
C GLN A 33 1.53 -9.41 16.05
N TRP A 34 1.11 -8.18 15.79
CA TRP A 34 0.28 -7.94 14.63
C TRP A 34 0.81 -6.86 13.72
N VAL A 35 0.60 -7.06 12.42
CA VAL A 35 1.04 -6.11 11.40
C VAL A 35 -0.17 -5.84 10.53
N VAL A 36 -0.26 -4.62 10.01
CA VAL A 36 -1.38 -4.29 9.14
C VAL A 36 -0.78 -4.09 7.76
N SER A 37 -1.53 -4.46 6.73
CA SER A 37 -1.05 -4.32 5.35
C SER A 37 -2.28 -4.27 4.47
N ALA A 38 -2.10 -4.15 3.16
CA ALA A 38 -3.24 -4.13 2.25
C ALA A 38 -3.60 -5.58 1.98
N ALA A 39 -4.87 -5.84 1.67
CA ALA A 39 -5.29 -7.22 1.42
C ALA A 39 -4.76 -7.75 0.09
N HIS A 40 -4.54 -6.87 -0.88
CA HIS A 40 -4.05 -7.34 -2.17
C HIS A 40 -2.60 -7.76 -2.12
N CYS A 41 -2.02 -7.75 -0.92
CA CYS A 41 -0.63 -8.17 -0.70
C CYS A 41 -0.65 -9.60 -0.17
N TYR A 42 -1.86 -10.11 0.05
CA TYR A 42 -2.05 -11.46 0.59
C TYR A 42 -1.38 -12.59 -0.17
N LYS A 43 -0.62 -13.39 0.58
CA LYS A 43 0.03 -14.58 0.04
C LYS A 43 -0.06 -15.62 1.14
N SER A 44 -0.16 -16.89 0.78
CA SER A 44 -0.26 -17.95 1.77
C SER A 44 1.02 -18.09 2.59
N ARG A 45 2.14 -17.64 2.03
CA ARG A 45 3.40 -17.71 2.76
C ARG A 45 4.02 -16.32 2.78
N ILE A 46 4.19 -15.78 3.99
CA ILE A 46 4.78 -14.46 4.14
C ILE A 46 5.74 -14.40 5.31
N GLN A 47 6.90 -13.83 5.05
CA GLN A 47 7.89 -13.65 6.09
C GLN A 47 7.93 -12.17 6.35
N VAL A 48 7.80 -11.77 7.62
CA VAL A 48 7.84 -10.37 7.95
C VAL A 48 9.27 -10.01 8.39
N ARG A 49 9.78 -8.90 7.86
CA ARG A 49 11.11 -8.41 8.18
C ARG A 49 10.93 -7.11 8.96
N LEU A 50 11.44 -7.06 10.18
CA LEU A 50 11.32 -5.84 10.97
C LEU A 50 12.69 -5.18 11.22
N GLY A 51 12.67 -3.91 11.60
CA GLY A 51 13.90 -3.19 11.88
C GLY A 51 14.82 -3.04 10.67
N GLU A 52 14.22 -2.72 9.53
CA GLU A 52 14.98 -2.54 8.29
C GLU A 52 15.18 -1.08 7.93
N HIS A 53 16.35 -0.76 7.39
CA HIS A 53 16.64 0.58 6.93
C HIS A 53 17.08 0.36 5.48
N ASN A 54 18.15 -0.40 5.33
CA ASN A 54 18.70 -0.76 4.03
C ASN A 54 18.32 -2.20 3.78
N ILE A 55 17.31 -2.45 2.94
CA ILE A 55 16.89 -3.82 2.67
C ILE A 55 17.92 -4.69 1.93
N ASP A 56 19.04 -4.10 1.53
CA ASP A 56 20.06 -4.87 0.83
C ASP A 56 21.27 -5.18 1.69
N VAL A 57 21.40 -4.49 2.81
CA VAL A 57 22.52 -4.71 3.71
C VAL A 57 22.02 -5.16 5.08
N LEU A 58 22.68 -6.15 5.65
CA LEU A 58 22.32 -6.67 6.96
C LEU A 58 23.00 -5.80 8.01
N GLU A 59 22.29 -4.82 8.52
CA GLU A 59 22.84 -3.88 9.51
C GLU A 59 22.83 -4.34 10.95
N GLY A 60 22.29 -5.54 11.19
CA GLY A 60 22.26 -6.08 12.54
C GLY A 60 21.02 -5.86 13.39
N ASN A 61 20.14 -4.93 13.00
CA ASN A 61 18.93 -4.65 13.76
C ASN A 61 17.71 -5.47 13.33
N GLU A 62 17.76 -6.03 12.12
CA GLU A 62 16.65 -6.79 11.56
C GLU A 62 16.12 -7.92 12.42
N GLN A 63 14.89 -8.30 12.12
CA GLN A 63 14.18 -9.41 12.77
C GLN A 63 13.30 -10.06 11.72
N PHE A 64 13.53 -11.34 11.44
CA PHE A 64 12.73 -12.03 10.47
C PHE A 64 11.77 -13.00 11.15
N ILE A 65 10.48 -12.67 11.09
CA ILE A 65 9.45 -13.48 11.70
C ILE A 65 8.42 -13.87 10.63
N ASN A 66 7.91 -15.10 10.69
CA ASN A 66 6.93 -15.57 9.73
C ASN A 66 5.49 -15.38 10.14
N ALA A 67 4.64 -15.16 9.14
CA ALA A 67 3.23 -14.96 9.40
C ALA A 67 2.60 -16.25 9.90
N ALA A 68 1.83 -16.13 10.97
CA ALA A 68 1.14 -17.28 11.53
C ALA A 68 -0.29 -17.21 11.03
N LYS A 69 -0.94 -16.08 11.29
CA LYS A 69 -2.31 -15.87 10.84
C LYS A 69 -2.33 -14.77 9.79
N ILE A 70 -2.97 -15.04 8.66
CA ILE A 70 -3.06 -14.07 7.58
C ILE A 70 -4.55 -13.85 7.31
N ILE A 71 -5.08 -12.78 7.88
CA ILE A 71 -6.50 -12.46 7.76
C ILE A 71 -6.86 -11.23 6.93
N THR A 72 -7.44 -11.44 5.75
CA THR A 72 -7.85 -10.32 4.92
C THR A 72 -9.29 -9.96 5.28
N HIS A 73 -9.64 -8.68 5.11
CA HIS A 73 -10.99 -8.24 5.45
C HIS A 73 -12.08 -9.08 4.78
N PRO A 74 -13.14 -9.41 5.52
CA PRO A 74 -14.27 -10.20 5.04
C PRO A 74 -14.94 -9.67 3.77
N ASN A 75 -15.00 -8.35 3.65
CA ASN A 75 -15.64 -7.76 2.49
C ASN A 75 -14.67 -7.18 1.49
N PHE A 76 -13.44 -7.69 1.51
CA PHE A 76 -12.44 -7.22 0.55
C PHE A 76 -12.94 -7.52 -0.85
N ASN A 77 -12.82 -6.55 -1.74
CA ASN A 77 -13.27 -6.72 -3.12
C ASN A 77 -12.06 -6.60 -4.04
N GLY A 78 -11.65 -7.74 -4.60
CA GLY A 78 -10.49 -7.77 -5.47
C GLY A 78 -10.54 -6.96 -6.75
N ASN A 79 -11.74 -6.62 -7.21
CA ASN A 79 -11.91 -5.87 -8.45
C ASN A 79 -11.94 -4.35 -8.23
N THR A 80 -12.38 -3.93 -7.05
CA THR A 80 -12.49 -2.51 -6.73
C THR A 80 -11.47 -2.10 -5.68
N LEU A 81 -10.86 -3.10 -5.04
CA LEU A 81 -9.89 -2.86 -3.98
C LEU A 81 -10.54 -2.12 -2.83
N ASP A 82 -11.81 -2.39 -2.62
CA ASP A 82 -12.55 -1.77 -1.54
C ASP A 82 -12.26 -2.61 -0.31
N ASN A 83 -12.17 -1.98 0.86
CA ASN A 83 -11.87 -2.69 2.09
C ASN A 83 -10.51 -3.35 1.94
N ASP A 84 -9.56 -2.59 1.40
CA ASP A 84 -8.23 -3.14 1.19
C ASP A 84 -7.36 -3.00 2.44
N ILE A 85 -7.57 -3.92 3.38
CA ILE A 85 -6.80 -3.94 4.62
C ILE A 85 -6.56 -5.41 5.00
N MET A 86 -5.45 -5.68 5.67
CA MET A 86 -5.10 -7.04 6.04
C MET A 86 -4.34 -7.14 7.36
N LEU A 87 -4.70 -8.13 8.17
CA LEU A 87 -4.04 -8.34 9.46
C LEU A 87 -3.18 -9.59 9.41
N ILE A 88 -1.96 -9.46 9.92
CA ILE A 88 -1.00 -10.56 9.95
C ILE A 88 -0.53 -10.76 11.38
N LYS A 89 -0.61 -11.98 11.89
CA LYS A 89 -0.12 -12.25 13.24
C LYS A 89 1.20 -12.99 13.12
N LEU A 90 2.19 -12.50 13.86
CA LEU A 90 3.53 -13.07 13.86
C LEU A 90 3.56 -14.35 14.68
N SER A 91 4.17 -15.40 14.15
CA SER A 91 4.25 -16.68 14.85
C SER A 91 4.99 -16.49 16.17
N SER A 92 5.67 -15.35 16.30
CA SER A 92 6.43 -15.01 17.48
C SER A 92 6.41 -13.49 17.67
N PRO A 93 6.23 -13.03 18.91
CA PRO A 93 6.20 -11.58 19.15
C PRO A 93 7.54 -10.96 18.76
N ALA A 94 7.49 -9.72 18.25
CA ALA A 94 8.68 -9.02 17.83
C ALA A 94 9.29 -8.31 19.03
N THR A 95 10.61 -8.22 19.06
CA THR A 95 11.29 -7.57 20.16
C THR A 95 11.29 -6.07 19.96
N LEU A 96 10.69 -5.34 20.90
CA LEU A 96 10.62 -3.90 20.82
C LEU A 96 11.83 -3.27 21.49
N IAS A 97 12.28 -2.13 20.99
CA IAS A 97 13.44 -1.46 21.57
C IAS A 97 13.04 -0.40 22.61
O IAS A 97 11.81 -0.18 22.77
CB IAS A 97 14.28 -0.85 20.45
CG IAS A 97 13.63 0.37 19.81
OD1 IAS A 97 12.69 0.34 19.04
N SER A 98 14.66 1.21 19.77
CA SER A 98 14.74 2.28 18.77
C SER A 98 14.47 1.85 17.32
N ARG A 99 14.93 0.66 16.95
CA ARG A 99 14.73 0.20 15.58
C ARG A 99 13.34 -0.35 15.32
N VAL A 100 12.78 -1.06 16.28
CA VAL A 100 11.44 -1.64 16.13
C VAL A 100 10.47 -1.12 17.17
N ALA A 101 9.43 -0.45 16.69
CA ALA A 101 8.41 0.10 17.57
C ALA A 101 7.06 0.03 16.88
N THR A 102 5.99 0.18 17.67
CA THR A 102 4.65 0.11 17.11
C THR A 102 4.12 1.50 16.76
N VAL A 103 3.02 1.52 16.02
CA VAL A 103 2.37 2.75 15.62
C VAL A 103 0.95 2.69 16.19
N SER A 104 0.39 3.84 16.54
CA SER A 104 -0.94 3.89 17.12
C SER A 104 -2.07 3.89 16.09
N LEU A 105 -3.23 3.38 16.49
CA LEU A 105 -4.39 3.33 15.62
C LEU A 105 -5.16 4.64 15.71
N PRO A 106 -5.93 4.99 14.67
CA PRO A 106 -6.72 6.22 14.63
C PRO A 106 -7.75 6.30 15.74
N ARG A 107 -7.69 7.38 16.51
CA ARG A 107 -8.63 7.61 17.59
C ARG A 107 -9.85 8.23 16.92
N SER A 108 -9.56 8.97 15.85
CA SER A 108 -10.56 9.65 15.04
C SER A 108 -9.98 9.77 13.62
N CYS A 109 -10.85 9.95 12.63
CA CYS A 109 -10.44 10.09 11.23
C CYS A 109 -9.72 11.42 10.97
N ALA A 110 -8.69 11.38 10.13
CA ALA A 110 -7.93 12.58 9.81
C ALA A 110 -8.71 13.54 8.93
N ALA A 111 -8.54 14.84 9.20
CA ALA A 111 -9.23 15.87 8.45
C ALA A 111 -8.40 16.34 7.25
N ALA A 112 -9.09 16.80 6.21
CA ALA A 112 -8.40 17.28 5.02
C ALA A 112 -7.35 18.29 5.42
N GLY A 113 -6.23 18.30 4.70
CA GLY A 113 -5.17 19.23 5.01
C GLY A 113 -4.13 18.72 5.97
N THR A 114 -4.48 17.71 6.77
CA THR A 114 -3.52 17.15 7.73
C THR A 114 -2.24 16.61 7.05
N GLU A 115 -1.10 17.05 7.55
CA GLU A 115 0.19 16.62 7.01
C GLU A 115 0.47 15.19 7.50
N CYS A 116 0.71 14.28 6.57
CA CYS A 116 0.98 12.89 6.93
C CYS A 116 2.34 12.45 6.44
N LEU A 117 2.82 11.32 6.96
CA LEU A 117 4.12 10.80 6.57
C LEU A 117 3.93 9.43 5.92
N ILE A 118 4.38 9.30 4.68
CA ILE A 118 4.28 8.04 3.95
C ILE A 118 5.70 7.49 3.81
N SER A 119 5.86 6.17 3.81
CA SER A 119 7.19 5.58 3.68
C SER A 119 7.19 4.24 2.96
N GLY A 120 8.27 3.91 2.27
CA GLY A 120 8.34 2.65 1.57
C GLY A 120 9.57 2.42 0.70
N TRP A 121 9.74 1.19 0.22
CA TRP A 121 10.87 0.80 -0.62
C TRP A 121 10.46 0.63 -2.08
N GLY A 122 9.34 1.24 -2.43
CA GLY A 122 8.85 1.12 -3.80
C GLY A 122 9.61 1.97 -4.80
N ASN A 123 9.27 1.80 -6.06
CA ASN A 123 9.90 2.52 -7.17
C ASN A 123 9.92 4.03 -6.90
N THR A 124 11.06 4.66 -7.14
CA THR A 124 11.20 6.10 -6.92
C THR A 124 11.09 6.87 -8.21
N LYS A 125 10.42 6.28 -9.20
CA LYS A 125 10.24 6.97 -10.48
C LYS A 125 8.84 6.85 -11.05
N SER A 126 8.30 7.98 -11.47
CA SER A 126 6.96 8.05 -12.04
C SER A 126 6.92 7.64 -13.50
N SER A 127 8.08 7.25 -14.06
CA SER A 127 8.12 6.84 -15.45
C SER A 127 9.17 5.75 -15.64
N GLY A 128 10.37 6.00 -15.14
CA GLY A 128 11.42 5.01 -15.25
C GLY A 128 11.24 3.97 -14.17
N SER A 129 12.34 3.37 -13.73
CA SER A 129 12.28 2.37 -12.68
C SER A 129 13.53 2.43 -11.83
N SER A 130 13.35 2.64 -10.53
CA SER A 130 14.48 2.68 -9.64
C SER A 130 14.06 2.38 -8.21
N TYR A 131 14.40 1.18 -7.75
CA TYR A 131 14.08 0.77 -6.39
C TYR A 131 15.29 1.01 -5.51
N PRO A 132 15.11 1.78 -4.43
CA PRO A 132 16.12 2.15 -3.45
C PRO A 132 16.41 1.09 -2.38
N SER A 133 17.63 1.12 -1.84
CA SER A 133 18.01 0.19 -0.80
C SER A 133 17.50 0.73 0.53
N LEU A 134 17.46 2.05 0.63
CA LEU A 134 17.02 2.71 1.85
C LEU A 134 15.59 3.20 1.82
N LEU A 135 14.91 2.95 2.94
CA LEU A 135 13.51 3.34 3.14
C LEU A 135 13.30 4.81 2.81
N GLN A 136 12.41 5.09 1.87
CA GLN A 136 12.14 6.47 1.49
C GLN A 136 11.01 7.10 2.30
N CYS A 137 11.04 8.42 2.40
CA CYS A 137 10.04 9.16 3.15
C CYS A 137 9.41 10.25 2.31
N LEU A 138 8.19 10.62 2.68
CA LEU A 138 7.44 11.65 1.97
C LEU A 138 6.34 12.22 2.84
N LYS A 139 6.20 13.54 2.81
CA LYS A 139 5.16 14.20 3.58
C LYS A 139 4.10 14.70 2.62
N ALA A 140 2.87 14.26 2.81
CA ALA A 140 1.76 14.66 1.96
C ALA A 140 0.50 14.86 2.80
N PRO A 141 -0.33 15.84 2.44
CA PRO A 141 -1.57 16.16 3.14
C PRO A 141 -2.76 15.30 2.68
N VAL A 142 -3.75 15.13 3.56
CA VAL A 142 -4.95 14.37 3.22
C VAL A 142 -5.85 15.30 2.40
N LEU A 143 -6.34 14.79 1.28
CA LEU A 143 -7.20 15.60 0.41
C LEU A 143 -8.66 15.42 0.77
N SER A 144 -9.46 16.43 0.41
CA SER A 144 -10.89 16.40 0.67
C SER A 144 -11.52 15.27 -0.13
N ASP A 145 -12.59 14.71 0.39
CA ASP A 145 -13.27 13.61 -0.29
C ASP A 145 -13.71 14.05 -1.70
N SER A 146 -14.12 15.31 -1.81
CA SER A 146 -14.56 15.88 -3.07
C SER A 146 -13.53 15.84 -4.20
N SER A 147 -12.35 16.39 -3.94
CA SER A 147 -11.30 16.41 -4.94
C SER A 147 -10.83 14.99 -5.25
N CYS A 148 -10.84 14.14 -4.23
CA CYS A 148 -10.42 12.76 -4.42
C CYS A 148 -11.35 12.08 -5.41
N LYS A 149 -12.63 12.41 -5.32
CA LYS A 149 -13.63 11.85 -6.22
C LYS A 149 -13.63 12.54 -7.58
N SER A 150 -13.19 13.79 -7.62
CA SER A 150 -13.12 14.51 -8.89
C SER A 150 -11.97 13.92 -9.72
N SER A 151 -10.96 13.39 -9.03
CA SER A 151 -9.81 12.79 -9.71
C SER A 151 -10.14 11.36 -10.15
N TYR A 152 -10.94 10.66 -9.35
CA TYR A 152 -11.30 9.26 -9.63
C TYR A 152 -12.82 9.06 -9.67
N PRO A 153 -13.47 9.57 -10.74
CA PRO A 153 -14.93 9.44 -10.88
C PRO A 153 -15.42 7.99 -10.80
N GLY A 154 -16.39 7.77 -9.93
CA GLY A 154 -16.97 6.45 -9.77
C GLY A 154 -16.06 5.32 -9.33
N GLN A 155 -14.92 5.67 -8.73
CA GLN A 155 -13.99 4.64 -8.28
C GLN A 155 -13.55 4.75 -6.83
N ILE A 156 -13.84 5.88 -6.20
CA ILE A 156 -13.47 6.10 -4.80
C ILE A 156 -14.63 5.74 -3.88
N THR A 157 -14.38 4.81 -2.96
CA THR A 157 -15.41 4.37 -2.02
C THR A 157 -15.29 5.10 -0.69
N GLY A 158 -16.18 4.73 0.25
CA GLY A 158 -16.16 5.35 1.56
C GLY A 158 -15.00 4.84 2.40
N ASN A 159 -14.30 3.83 1.88
CA ASN A 159 -13.17 3.27 2.60
C ASN A 159 -11.86 3.66 1.95
N MET A 160 -11.85 4.82 1.28
CA MET A 160 -10.67 5.29 0.58
C MET A 160 -10.49 6.79 0.73
N ILE A 161 -9.23 7.21 0.81
CA ILE A 161 -8.90 8.63 0.89
C ILE A 161 -7.72 8.91 -0.02
N CYS A 162 -7.69 10.11 -0.60
CA CYS A 162 -6.57 10.48 -1.44
C CYS A 162 -5.63 11.33 -0.60
N VAL A 163 -4.35 10.99 -0.61
CA VAL A 163 -3.36 11.78 0.12
C VAL A 163 -2.30 12.04 -0.93
N GLY A 164 -1.92 13.30 -1.10
CA GLY A 164 -0.89 13.58 -2.10
C GLY A 164 -0.90 14.94 -2.73
N PHE A 165 -0.59 14.99 -4.02
CA PHE A 165 -0.53 16.25 -4.76
C PHE A 165 -1.22 16.10 -6.13
N LEU A 166 -2.21 16.98 -6.39
CA LEU A 166 -2.99 17.00 -7.64
C LEU A 166 -2.13 17.57 -8.76
N GLU A 167 -0.99 18.08 -8.34
CA GLU A 167 -0.01 18.74 -9.17
C GLU A 167 1.05 17.74 -9.62
N GLY A 168 0.99 16.53 -9.05
CA GLY A 168 1.93 15.48 -9.39
C GLY A 168 3.30 15.72 -8.79
N GLY A 169 4.24 14.83 -9.10
CA GLY A 169 5.60 14.96 -8.60
C GLY A 169 5.95 14.09 -7.42
N LYS A 170 5.06 14.01 -6.43
CA LYS A 170 5.30 13.20 -5.24
C LYS A 170 4.13 12.25 -5.03
N ASP A 171 4.43 10.99 -4.73
CA ASP A 171 3.38 10.00 -4.52
C ASP A 171 3.97 8.64 -4.18
N SER A 172 3.16 7.73 -3.66
CA SER A 172 3.65 6.40 -3.34
C SER A 172 3.62 5.65 -4.67
N CYS A 173 4.38 4.57 -4.78
CA CYS A 173 4.44 3.86 -6.05
C CYS A 173 4.58 2.34 -5.88
N GLN A 174 4.53 1.61 -7.00
CA GLN A 174 4.66 0.15 -6.94
C GLN A 174 5.78 -0.26 -5.99
N GLY A 175 5.42 -1.07 -5.00
CA GLY A 175 6.39 -1.52 -4.03
C GLY A 175 6.12 -0.87 -2.68
N ASP A 176 5.20 0.10 -2.65
CA ASP A 176 4.86 0.80 -1.42
C ASP A 176 3.55 0.31 -0.80
N SER A 177 2.87 -0.63 -1.46
CA SER A 177 1.61 -1.15 -0.95
C SER A 177 1.71 -1.72 0.46
N GLY A 178 0.66 -1.48 1.26
CA GLY A 178 0.64 -1.98 2.61
C GLY A 178 1.37 -1.10 3.62
N GLY A 179 2.19 -0.17 3.11
CA GLY A 179 2.92 0.73 3.97
C GLY A 179 2.08 1.76 4.71
N PRO A 180 2.63 2.39 5.75
CA PRO A 180 2.00 3.40 6.60
C PRO A 180 1.81 4.81 6.01
N VAL A 181 0.74 5.46 6.46
CA VAL A 181 0.43 6.84 6.11
C VAL A 181 0.12 7.39 7.51
N VAL A 182 1.17 7.74 8.23
CA VAL A 182 1.03 8.22 9.60
C VAL A 182 0.77 9.72 9.70
N CYS A 183 -0.31 10.07 10.39
CA CYS A 183 -0.70 11.47 10.58
C CYS A 183 -0.90 11.68 12.09
N ASN A 184 -0.02 12.45 12.71
CA ASN A 184 -0.12 12.74 14.14
C ASN A 184 0.17 11.58 15.07
N GLY A 185 0.93 10.61 14.59
CA GLY A 185 1.26 9.47 15.42
C GLY A 185 0.24 8.37 15.35
N GLN A 186 -0.69 8.50 14.42
CA GLN A 186 -1.75 7.52 14.23
C GLN A 186 -1.76 7.01 12.80
N LEU A 187 -1.92 5.71 12.64
CA LEU A 187 -1.95 5.11 11.32
C LEU A 187 -3.27 5.50 10.67
N GLN A 188 -3.23 6.48 9.77
CA GLN A 188 -4.44 6.92 9.09
C GLN A 188 -4.68 6.29 7.73
N GLY A 189 -3.63 5.85 7.05
CA GLY A 189 -3.82 5.25 5.74
C GLY A 189 -2.89 4.10 5.37
N ILE A 190 -3.33 3.26 4.44
CA ILE A 190 -2.54 2.13 3.96
C ILE A 190 -2.38 2.30 2.46
N VAL A 191 -1.14 2.33 1.97
CA VAL A 191 -0.88 2.49 0.55
C VAL A 191 -1.73 1.47 -0.21
N SER A 192 -2.50 1.95 -1.18
CA SER A 192 -3.36 1.06 -1.95
C SER A 192 -3.16 1.12 -3.48
N TRP A 193 -3.85 2.04 -4.15
CA TRP A 193 -3.73 2.14 -5.61
C TRP A 193 -3.66 3.55 -6.19
N GLY A 194 -3.96 3.63 -7.48
CA GLY A 194 -3.95 4.91 -8.17
C GLY A 194 -3.50 4.77 -9.63
N TYR A 195 -3.55 5.86 -10.38
CA TYR A 195 -3.08 5.82 -11.77
C TYR A 195 -1.58 6.04 -11.74
N GLY A 196 -0.83 5.05 -12.20
CA GLY A 196 0.62 5.17 -12.20
C GLY A 196 1.10 5.79 -10.91
N CYS A 197 2.12 6.65 -11.00
CA CYS A 197 2.66 7.29 -9.81
C CYS A 197 2.99 8.75 -10.09
N ALA A 198 2.75 9.61 -9.11
CA ALA A 198 3.04 11.03 -9.20
C ALA A 198 2.50 11.72 -10.44
N GLN A 199 1.34 11.27 -10.92
CA GLN A 199 0.71 11.88 -12.11
C GLN A 199 -0.13 13.09 -11.74
N LYS A 200 -0.10 14.12 -12.59
CA LYS A 200 -0.89 15.31 -12.29
C LYS A 200 -2.38 14.96 -12.22
N ASN A 201 -3.01 15.37 -11.12
CA ASN A 201 -4.42 15.10 -10.89
C ASN A 201 -4.75 13.65 -10.65
N LYS A 202 -3.78 12.90 -10.14
CA LYS A 202 -3.99 11.49 -9.85
C LYS A 202 -3.21 11.09 -8.61
N PRO A 203 -3.63 11.59 -7.44
CA PRO A 203 -2.98 11.29 -6.16
C PRO A 203 -3.23 9.84 -5.80
N GLY A 204 -2.36 9.28 -4.96
CA GLY A 204 -2.52 7.90 -4.57
C GLY A 204 -3.71 7.68 -3.67
N VAL A 205 -4.37 6.53 -3.82
CA VAL A 205 -5.52 6.20 -3.02
C VAL A 205 -5.10 5.26 -1.91
N TYR A 206 -5.47 5.62 -0.68
CA TYR A 206 -5.11 4.82 0.49
C TYR A 206 -6.33 4.33 1.25
N THR A 207 -6.21 3.18 1.88
CA THR A 207 -7.29 2.61 2.65
C THR A 207 -7.48 3.50 3.89
N LYS A 208 -8.72 3.83 4.19
CA LYS A 208 -9.07 4.69 5.31
C LYS A 208 -9.10 3.88 6.60
N VAL A 209 -7.93 3.69 7.19
CA VAL A 209 -7.81 2.89 8.41
C VAL A 209 -8.77 3.24 9.55
N CYS A 210 -9.09 4.52 9.72
CA CYS A 210 -9.98 4.91 10.81
C CYS A 210 -11.35 4.22 10.76
N ASN A 211 -11.70 3.64 9.61
CA ASN A 211 -12.98 2.95 9.47
C ASN A 211 -12.84 1.49 9.83
N TYR A 212 -11.62 1.07 10.19
CA TYR A 212 -11.35 -0.33 10.52
C TYR A 212 -10.84 -0.56 11.94
N VAL A 213 -10.77 0.51 12.73
CA VAL A 213 -10.29 0.39 14.10
C VAL A 213 -11.07 -0.70 14.83
N ASN A 214 -12.40 -0.64 14.73
CA ASN A 214 -13.23 -1.62 15.42
C ASN A 214 -12.95 -3.04 14.92
N TRP A 215 -12.95 -3.24 13.61
CA TRP A 215 -12.69 -4.58 13.06
C TRP A 215 -11.36 -5.13 13.54
N ILE A 216 -10.33 -4.28 13.50
CA ILE A 216 -8.99 -4.66 13.92
C ILE A 216 -8.97 -5.16 15.36
N GLN A 217 -9.36 -4.29 16.29
CA GLN A 217 -9.37 -4.64 17.70
C GLN A 217 -10.17 -5.90 18.00
N GLN A 218 -11.28 -6.09 17.31
CA GLN A 218 -12.08 -7.28 17.53
C GLN A 218 -11.31 -8.51 17.07
N THR A 219 -10.81 -8.49 15.84
CA THR A 219 -10.05 -9.62 15.30
C THR A 219 -8.86 -10.01 16.17
N ILE A 220 -8.14 -9.02 16.70
CA ILE A 220 -6.99 -9.32 17.53
C ILE A 220 -7.45 -9.99 18.83
N ALA A 221 -8.57 -9.51 19.37
CA ALA A 221 -9.12 -10.05 20.61
C ALA A 221 -9.58 -11.48 20.46
N ALA A 222 -10.07 -11.81 19.27
CA ALA A 222 -10.55 -13.16 19.01
C ALA A 222 -9.46 -14.16 18.63
N ASN A 223 -8.33 -13.67 18.12
CA ASN A 223 -7.24 -14.55 17.71
C ASN A 223 -5.99 -14.48 18.58
N CYS B 10 -19.91 -3.47 -24.23
CA CYS B 10 -19.50 -2.05 -24.38
C CYS B 10 -19.89 -1.59 -25.78
N GLY B 11 -21.04 -0.94 -25.90
CA GLY B 11 -21.48 -0.48 -27.21
C GLY B 11 -21.44 -1.59 -28.24
N PRO B 12 -20.92 -1.32 -29.45
CA PRO B 12 -20.82 -2.31 -30.54
C PRO B 12 -19.79 -3.41 -30.26
N VAL B 13 -18.99 -3.23 -29.21
CA VAL B 13 -17.96 -4.20 -28.86
C VAL B 13 -18.12 -4.77 -27.46
N THR B 14 -17.21 -5.67 -27.09
CA THR B 14 -17.23 -6.31 -25.78
C THR B 14 -15.82 -6.34 -25.20
N CYS B 15 -15.66 -5.77 -24.01
CA CYS B 15 -14.35 -5.72 -23.36
C CYS B 15 -14.05 -7.02 -22.62
N SER B 16 -12.80 -7.46 -22.69
CA SER B 16 -12.39 -8.69 -22.03
C SER B 16 -11.22 -8.50 -21.07
N GLY B 17 -10.94 -9.54 -20.30
CA GLY B 17 -9.84 -9.51 -19.35
C GLY B 17 -9.76 -8.32 -18.40
N ALA B 18 -8.77 -7.46 -18.63
CA ALA B 18 -8.55 -6.29 -17.80
C ALA B 18 -9.11 -5.01 -18.40
N GLN B 19 -9.73 -5.13 -19.58
CA GLN B 19 -10.30 -3.99 -20.29
C GLN B 19 -11.40 -3.21 -19.59
N MET B 20 -11.38 -1.89 -19.79
CA MET B 20 -12.39 -1.00 -19.21
C MET B 20 -13.20 -0.40 -20.35
N CYS B 21 -14.52 -0.36 -20.18
CA CYS B 21 -15.42 0.19 -21.18
C CYS B 21 -15.51 1.72 -21.13
N GLU B 22 -15.31 2.34 -22.29
CA GLU B 22 -15.41 3.80 -22.40
C GLU B 22 -16.46 4.17 -23.43
N VAL B 23 -17.71 4.20 -22.98
CA VAL B 23 -18.85 4.54 -23.82
C VAL B 23 -19.13 3.48 -24.87
N ASP B 24 -18.31 3.44 -25.92
CA ASP B 24 -18.48 2.47 -26.99
C ASP B 24 -17.17 1.85 -27.47
N LYS B 25 -16.11 2.06 -26.70
CA LYS B 25 -14.81 1.51 -27.05
C LYS B 25 -14.19 0.82 -25.84
N CYS B 26 -13.44 -0.25 -26.08
CA CYS B 26 -12.80 -0.99 -25.02
C CYS B 26 -11.32 -0.68 -24.89
N VAL B 27 -11.00 0.31 -24.06
CA VAL B 27 -9.61 0.65 -23.81
C VAL B 27 -9.29 -0.28 -22.65
N CYS B 28 -8.45 0.16 -21.73
CA CYS B 28 -8.17 -0.67 -20.57
C CYS B 28 -7.80 0.22 -19.40
N SER B 29 -7.13 -0.33 -18.40
CA SER B 29 -6.81 0.48 -17.25
C SER B 29 -5.39 0.95 -17.08
N ASP B 30 -5.25 2.03 -16.33
CA ASP B 30 -3.96 2.61 -16.02
C ASP B 30 -3.93 2.37 -14.52
N LEU B 31 -5.07 1.90 -14.02
CA LEU B 31 -5.26 1.57 -12.62
C LEU B 31 -4.41 0.38 -12.23
N HIS B 32 -3.61 0.56 -11.19
CA HIS B 32 -2.74 -0.48 -10.68
C HIS B 32 -2.58 -0.32 -9.19
N CYS B 33 -2.49 -1.45 -8.51
CA CYS B 33 -2.26 -1.45 -7.08
C CYS B 33 -0.75 -1.29 -7.03
N LYS B 34 -0.23 -0.77 -5.93
CA LYS B 34 1.21 -0.55 -5.84
C LYS B 34 1.99 -1.72 -5.28
N VAL B 35 1.67 -2.90 -5.76
CA VAL B 35 2.38 -4.11 -5.36
C VAL B 35 3.60 -4.11 -6.24
N LYS B 36 4.67 -4.70 -5.76
CA LYS B 36 5.83 -4.79 -6.61
C LYS B 36 5.75 -6.15 -7.29
N CYS B 37 5.57 -6.15 -8.60
CA CYS B 37 5.48 -7.40 -9.35
C CYS B 37 6.85 -7.91 -9.79
N GLU B 38 7.16 -9.13 -9.37
CA GLU B 38 8.41 -9.78 -9.71
C GLU B 38 8.70 -9.65 -11.21
N HIS B 39 7.71 -9.95 -12.04
CA HIS B 39 7.86 -9.84 -13.49
C HIS B 39 6.88 -8.86 -14.09
N GLY B 40 6.43 -7.90 -13.29
CA GLY B 40 5.49 -6.92 -13.79
C GLY B 40 4.06 -7.41 -13.74
N PHE B 41 3.14 -6.59 -14.21
CA PHE B 41 1.73 -6.96 -14.20
C PHE B 41 1.37 -7.82 -15.39
N LYS B 42 0.27 -8.54 -15.27
CA LYS B 42 -0.18 -9.42 -16.34
C LYS B 42 -0.88 -8.73 -17.49
N LYS B 43 -0.68 -9.33 -18.66
CA LYS B 43 -1.29 -8.89 -19.90
C LYS B 43 -2.30 -9.99 -20.17
N ASP B 44 -3.36 -9.65 -20.89
CA ASP B 44 -4.37 -10.64 -21.25
C ASP B 44 -4.57 -10.56 -22.74
N ASP B 45 -5.07 -11.64 -23.32
CA ASP B 45 -5.33 -11.72 -24.75
C ASP B 45 -5.05 -10.43 -25.50
N ASN B 46 -5.67 -9.34 -25.05
CA ASN B 46 -5.52 -8.02 -25.65
C ASN B 46 -4.13 -7.37 -25.51
N GLY B 47 -3.45 -7.65 -24.40
CA GLY B 47 -2.13 -7.08 -24.19
C GLY B 47 -2.15 -5.98 -23.15
N CYS B 48 -3.33 -5.70 -22.63
CA CYS B 48 -3.49 -4.70 -21.58
C CYS B 48 -3.21 -5.31 -20.22
N GLU B 49 -2.77 -4.50 -19.28
CA GLU B 49 -2.41 -4.99 -17.96
C GLU B 49 -3.50 -5.05 -16.88
N TYR B 50 -3.72 -6.24 -16.32
CA TYR B 50 -4.70 -6.43 -15.25
C TYR B 50 -4.24 -5.56 -14.09
N ALA B 51 -5.20 -4.94 -13.40
CA ALA B 51 -4.93 -4.02 -12.29
C ALA B 51 -3.99 -4.46 -11.17
N CYS B 52 -4.26 -5.61 -10.55
CA CYS B 52 -3.41 -6.05 -9.46
C CYS B 52 -3.00 -7.52 -9.54
N ILE B 53 -2.44 -7.91 -10.68
CA ILE B 53 -1.99 -9.28 -10.86
C ILE B 53 -0.62 -9.34 -11.54
N CYS B 54 0.34 -9.85 -10.79
CA CYS B 54 1.71 -9.99 -11.28
C CYS B 54 1.86 -11.18 -12.20
N ALA B 55 2.98 -11.21 -12.91
CA ALA B 55 3.24 -12.33 -13.81
C ALA B 55 4.16 -13.32 -13.08
N ASP B 56 3.58 -14.43 -12.62
CA ASP B 56 4.38 -15.46 -11.95
C ASP B 56 5.62 -15.65 -12.79
N ALA B 57 5.40 -15.99 -14.06
CA ALA B 57 6.46 -16.15 -15.03
C ALA B 57 6.33 -14.89 -15.88
N PRO B 58 7.35 -14.55 -16.67
CA PRO B 58 7.36 -13.35 -17.52
C PRO B 58 6.41 -13.33 -18.72
N GLN B 59 6.56 -12.28 -19.53
CA GLN B 59 5.75 -12.07 -20.73
C GLN B 59 6.67 -11.81 -21.93
CA CA C . 18.84 -4.45 6.17
#